data_7VOX
#
_entry.id   7VOX
#
_cell.length_a   138.547
_cell.length_b   144.291
_cell.length_c   75.034
_cell.angle_alpha   90.000
_cell.angle_beta   90.000
_cell.angle_gamma   90.000
#
_symmetry.space_group_name_H-M   'C 2 2 2'
#
loop_
_entity.id
_entity.type
_entity.pdbx_description
1 polymer "DNA (5'-D(P*TP*CP*GP*AP*TP*AP*AP*TP*AP*AP*AP*TP*AP*TP*TP*T)-3')"
2 polymer "DNA (5'-D(P*AP*AP*AP*TP*AP*TP*TP*TP*AP*TP*TP*AP*TP*CP*GP*A)-3')"
3 polymer 'Hepatocyte nuclear factor 3-alpha'
4 non-polymer 'MAGNESIUM ION'
5 water water
#
loop_
_entity_poly.entity_id
_entity_poly.type
_entity_poly.pdbx_seq_one_letter_code
_entity_poly.pdbx_strand_id
1 'polydeoxyribonucleotide' (DT)(DC)(DG)(DA)(DT)(DA)(DA)(DT)(DA)(DA)(DA)(DT)(DA)(DT)(DT)(DT) D,F
2 'polydeoxyribonucleotide' (DA)(DA)(DA)(DT)(DA)(DT)(DT)(DT)(DA)(DT)(DT)(DA)(DT)(DC)(DG)(DA) E,G
3 'polypeptide(L)'
;GAMGSHAKPPYSYISLITMAIQQAPSKMLTLSEIYQWIMDLFPYYRQNQQRWQNSIRHSLSFNDCFVKVARSPDKPGKGS
YWTLHPDSGNMFENGCYLRRQK
;
A,B,C,H
#
loop_
_chem_comp.id
_chem_comp.type
_chem_comp.name
_chem_comp.formula
DA DNA linking 2'-DEOXYADENOSINE-5'-MONOPHOSPHATE 'C10 H14 N5 O6 P'
DC DNA linking 2'-DEOXYCYTIDINE-5'-MONOPHOSPHATE 'C9 H14 N3 O7 P'
DG DNA linking 2'-DEOXYGUANOSINE-5'-MONOPHOSPHATE 'C10 H14 N5 O7 P'
DT DNA linking THYMIDINE-5'-MONOPHOSPHATE 'C10 H15 N2 O8 P'
MG non-polymer 'MAGNESIUM ION' 'Mg 2'
#
# COMPACT_ATOMS: atom_id res chain seq x y z
N HIS E 6 -9.87 12.67 -31.51
CA HIS E 6 -8.70 12.99 -32.31
C HIS E 6 -7.43 13.04 -31.45
N ALA E 7 -7.53 12.55 -30.22
CA ALA E 7 -6.35 12.34 -29.39
C ALA E 7 -5.80 10.95 -29.62
N LYS E 8 -4.52 10.77 -29.32
CA LYS E 8 -3.89 9.47 -29.52
C LYS E 8 -4.49 8.43 -28.58
N PRO E 9 -5.08 7.35 -29.10
CA PRO E 9 -5.57 6.29 -28.23
C PRO E 9 -4.39 5.55 -27.59
N PRO E 10 -4.61 4.88 -26.46
CA PRO E 10 -3.50 4.21 -25.77
C PRO E 10 -3.03 2.93 -26.43
N TYR E 11 -3.76 2.40 -27.41
CA TYR E 11 -3.51 1.05 -27.90
C TYR E 11 -2.15 0.96 -28.59
N SER E 12 -1.41 -0.09 -28.26
CA SER E 12 -0.19 -0.43 -28.99
C SER E 12 -0.53 -0.82 -30.43
N TYR E 13 0.50 -0.90 -31.27
CA TYR E 13 0.28 -1.33 -32.64
C TYR E 13 -0.19 -2.78 -32.68
N ILE E 14 0.34 -3.64 -31.80
CA ILE E 14 -0.13 -5.01 -31.71
C ILE E 14 -1.62 -5.04 -31.36
N SER E 15 -2.03 -4.22 -30.40
CA SER E 15 -3.43 -4.18 -30.00
C SER E 15 -4.32 -3.67 -31.14
N LEU E 16 -3.88 -2.62 -31.84
CA LEU E 16 -4.67 -2.10 -32.95
C LEU E 16 -4.88 -3.14 -34.03
N ILE E 17 -3.81 -3.85 -34.41
CA ILE E 17 -3.91 -4.87 -35.44
C ILE E 17 -4.82 -5.99 -34.97
N THR E 18 -4.63 -6.45 -33.73
CA THR E 18 -5.45 -7.53 -33.19
C THR E 18 -6.93 -7.17 -33.22
N MET E 19 -7.26 -5.94 -32.80
CA MET E 19 -8.66 -5.52 -32.80
C MET E 19 -9.22 -5.47 -34.21
N ALA E 20 -8.44 -4.95 -35.17
CA ALA E 20 -8.90 -4.89 -36.55
C ALA E 20 -9.18 -6.28 -37.10
N ILE E 21 -8.25 -7.21 -36.90
CA ILE E 21 -8.42 -8.56 -37.40
C ILE E 21 -9.59 -9.25 -36.71
N GLN E 22 -9.74 -9.04 -35.40
CA GLN E 22 -10.78 -9.73 -34.64
C GLN E 22 -12.17 -9.35 -35.15
N GLN E 23 -12.35 -8.10 -35.57
CA GLN E 23 -13.66 -7.64 -36.03
C GLN E 23 -13.92 -7.98 -37.49
N ALA E 24 -12.94 -8.51 -38.19
CA ALA E 24 -13.14 -8.83 -39.60
C ALA E 24 -14.06 -10.04 -39.72
N PRO E 25 -15.07 -10.00 -40.60
CA PRO E 25 -15.93 -11.18 -40.78
C PRO E 25 -15.16 -12.46 -41.02
N SER E 26 -14.15 -12.42 -41.89
CA SER E 26 -13.36 -13.59 -42.22
C SER E 26 -12.21 -13.82 -41.24
N LYS E 27 -12.08 -12.98 -40.21
CA LYS E 27 -10.96 -13.03 -39.27
C LYS E 27 -9.62 -12.82 -39.95
N MET E 28 -9.62 -12.23 -41.15
CA MET E 28 -8.40 -11.89 -41.87
C MET E 28 -8.57 -10.54 -42.53
N LEU E 29 -7.50 -9.77 -42.59
CA LEU E 29 -7.52 -8.45 -43.22
C LEU E 29 -6.25 -8.25 -44.02
N THR E 30 -6.37 -7.50 -45.12
CA THR E 30 -5.21 -7.04 -45.85
C THR E 30 -4.58 -5.84 -45.13
N LEU E 31 -3.34 -5.54 -45.50
CA LEU E 31 -2.64 -4.41 -44.91
C LEU E 31 -3.43 -3.12 -45.07
N SER E 32 -3.92 -2.85 -46.29
CA SER E 32 -4.66 -1.61 -46.51
C SER E 32 -5.98 -1.60 -45.74
N GLU E 33 -6.57 -2.77 -45.53
CA GLU E 33 -7.78 -2.84 -44.71
C GLU E 33 -7.47 -2.54 -43.25
N ILE E 34 -6.30 -2.96 -42.77
CA ILE E 34 -5.87 -2.61 -41.42
C ILE E 34 -5.70 -1.11 -41.28
N TYR E 35 -4.99 -0.49 -42.24
CA TYR E 35 -4.86 0.97 -42.26
C TYR E 35 -6.23 1.64 -42.16
N GLN E 36 -7.18 1.19 -42.99
CA GLN E 36 -8.47 1.87 -43.07
C GLN E 36 -9.27 1.72 -41.79
N TRP E 37 -9.26 0.52 -41.21
CA TRP E 37 -9.97 0.31 -39.96
C TRP E 37 -9.43 1.21 -38.86
N ILE E 38 -8.10 1.31 -38.77
CA ILE E 38 -7.49 2.17 -37.74
C ILE E 38 -7.89 3.63 -37.96
N MET E 39 -7.81 4.09 -39.21
CA MET E 39 -8.16 5.48 -39.48
C MET E 39 -9.65 5.74 -39.29
N ASP E 40 -10.50 4.78 -39.66
CA ASP E 40 -11.94 4.97 -39.50
C ASP E 40 -12.30 5.12 -38.03
N LEU E 41 -11.70 4.31 -37.16
CA LEU E 41 -12.08 4.30 -35.75
C LEU E 41 -11.35 5.38 -34.95
N PHE E 42 -10.14 5.76 -35.37
CA PHE E 42 -9.29 6.65 -34.58
C PHE E 42 -8.81 7.81 -35.46
N PRO E 43 -9.51 8.95 -35.43
CA PRO E 43 -9.12 10.08 -36.27
C PRO E 43 -7.68 10.53 -36.09
N TYR E 44 -7.09 10.30 -34.91
CA TYR E 44 -5.69 10.64 -34.67
C TYR E 44 -4.78 10.09 -35.76
N TYR E 45 -5.09 8.89 -36.26
CA TYR E 45 -4.23 8.21 -37.22
C TYR E 45 -4.48 8.64 -38.66
N ARG E 46 -5.34 9.64 -38.87
CA ARG E 46 -5.50 10.20 -40.20
C ARG E 46 -4.35 11.12 -40.59
N GLN E 47 -3.46 11.43 -39.65
CA GLN E 47 -2.25 12.18 -39.95
C GLN E 47 -1.03 11.30 -39.75
N ASN E 48 0.11 11.79 -40.23
CA ASN E 48 1.40 11.12 -40.10
C ASN E 48 1.34 9.68 -40.57
N GLN E 49 0.59 9.43 -41.65
CA GLN E 49 0.40 8.07 -42.12
C GLN E 49 1.72 7.43 -42.54
N GLN E 50 2.65 8.23 -43.07
CA GLN E 50 3.92 7.67 -43.50
C GLN E 50 4.69 7.06 -42.32
N ARG E 51 4.52 7.59 -41.13
CA ARG E 51 5.23 7.07 -39.97
C ARG E 51 4.53 5.85 -39.36
N TRP E 52 3.26 5.98 -38.98
CA TRP E 52 2.64 4.91 -38.21
C TRP E 52 2.33 3.70 -39.08
N GLN E 53 2.12 3.90 -40.38
CA GLN E 53 1.93 2.74 -41.24
C GLN E 53 3.21 1.94 -41.40
N ASN E 54 4.37 2.61 -41.39
CA ASN E 54 5.64 1.91 -41.29
C ASN E 54 5.67 1.05 -40.02
N SER E 55 5.24 1.61 -38.90
CA SER E 55 5.22 0.86 -37.65
C SER E 55 4.26 -0.32 -37.72
N ILE E 56 3.13 -0.16 -38.43
CA ILE E 56 2.18 -1.25 -38.59
C ILE E 56 2.83 -2.40 -39.35
N ARG E 57 3.48 -2.09 -40.47
CA ARG E 57 4.17 -3.12 -41.23
C ARG E 57 5.25 -3.80 -40.40
N HIS E 58 6.02 -3.02 -39.63
CA HIS E 58 7.03 -3.59 -38.75
C HIS E 58 6.40 -4.55 -37.76
N SER E 59 5.29 -4.15 -37.14
CA SER E 59 4.66 -4.97 -36.11
C SER E 59 4.11 -6.27 -36.72
N LEU E 60 3.55 -6.19 -37.92
CA LEU E 60 3.00 -7.38 -38.57
C LEU E 60 4.08 -8.42 -38.81
N SER E 61 5.23 -7.99 -39.35
CA SER E 61 6.29 -8.93 -39.67
C SER E 61 7.04 -9.41 -38.44
N PHE E 62 7.36 -8.50 -37.52
CA PHE E 62 8.25 -8.82 -36.41
C PHE E 62 7.61 -9.79 -35.41
N ASN E 63 6.30 -9.73 -35.24
CA ASN E 63 5.60 -10.53 -34.24
C ASN E 63 5.03 -11.80 -34.85
N ASP E 64 5.34 -12.94 -34.22
CA ASP E 64 4.86 -14.23 -34.70
C ASP E 64 3.35 -14.40 -34.55
N CYS E 65 2.70 -13.60 -33.71
CA CYS E 65 1.27 -13.73 -33.54
C CYS E 65 0.50 -13.32 -34.77
N PHE E 66 1.14 -12.64 -35.73
CA PHE E 66 0.52 -12.25 -36.98
C PHE E 66 1.11 -13.07 -38.11
N VAL E 67 0.25 -13.71 -38.90
CA VAL E 67 0.68 -14.66 -39.91
C VAL E 67 0.04 -14.29 -41.24
N LYS E 68 0.84 -14.35 -42.29
CA LYS E 68 0.44 -13.96 -43.63
C LYS E 68 -0.24 -15.11 -44.36
N VAL E 69 -1.33 -14.81 -45.06
CA VAL E 69 -2.11 -15.81 -45.79
C VAL E 69 -2.27 -15.32 -47.23
N ALA E 70 -1.83 -16.14 -48.18
CA ALA E 70 -1.81 -15.72 -49.58
C ALA E 70 -3.21 -15.60 -50.17
N ARG E 71 -3.38 -14.63 -51.06
CA ARG E 71 -4.58 -14.55 -51.89
C ARG E 71 -4.71 -15.81 -52.73
N SER E 72 -5.94 -16.11 -53.14
CA SER E 72 -6.14 -17.21 -54.08
C SER E 72 -5.50 -16.86 -55.42
N PRO E 73 -4.99 -17.87 -56.14
CA PRO E 73 -4.36 -17.57 -57.44
C PRO E 73 -5.29 -16.93 -58.44
N ASP E 74 -6.60 -17.16 -58.31
CA ASP E 74 -7.58 -16.62 -59.24
C ASP E 74 -8.03 -15.21 -58.87
N LYS E 75 -7.51 -14.65 -57.79
CA LYS E 75 -7.90 -13.31 -57.32
C LYS E 75 -6.65 -12.62 -56.83
N PRO E 76 -5.72 -12.27 -57.72
CA PRO E 76 -4.48 -11.62 -57.31
C PRO E 76 -4.63 -10.13 -57.04
N GLY E 77 -3.65 -9.61 -56.33
CA GLY E 77 -3.65 -8.21 -55.94
C GLY E 77 -2.41 -7.91 -55.14
N LYS E 78 -2.36 -6.70 -54.58
CA LYS E 78 -1.22 -6.29 -53.78
C LYS E 78 -1.37 -6.79 -52.34
N GLY E 79 -0.34 -7.47 -51.85
CA GLY E 79 -0.31 -7.95 -50.49
C GLY E 79 -1.15 -9.18 -50.26
N SER E 80 -0.88 -9.84 -49.13
CA SER E 80 -1.62 -11.01 -48.67
C SER E 80 -2.58 -10.61 -47.54
N TYR E 81 -3.35 -11.60 -47.08
CA TYR E 81 -4.16 -11.42 -45.89
C TYR E 81 -3.34 -11.67 -44.63
N TRP E 82 -3.69 -10.95 -43.56
CA TRP E 82 -3.11 -11.17 -42.24
C TRP E 82 -4.16 -11.67 -41.27
N THR E 83 -3.77 -12.59 -40.41
CA THR E 83 -4.67 -13.15 -39.41
C THR E 83 -3.87 -13.45 -38.15
N LEU E 84 -4.58 -13.83 -37.09
CA LEU E 84 -3.92 -14.17 -35.83
C LEU E 84 -3.55 -15.66 -35.84
N HIS E 85 -2.32 -15.95 -35.44
CA HIS E 85 -1.86 -17.34 -35.42
C HIS E 85 -2.48 -18.10 -34.27
N PRO E 86 -2.87 -19.37 -34.49
CA PRO E 86 -3.44 -20.17 -33.37
C PRO E 86 -2.46 -20.40 -32.24
N ASP E 87 -1.19 -20.68 -32.56
CA ASP E 87 -0.14 -20.96 -31.57
C ASP E 87 0.21 -19.77 -30.70
N SER E 88 -0.54 -18.66 -30.80
CA SER E 88 -0.34 -17.50 -29.94
C SER E 88 -1.61 -17.16 -29.15
N GLY E 89 -2.49 -18.14 -28.96
CA GLY E 89 -3.65 -17.97 -28.10
C GLY E 89 -4.95 -17.64 -28.83
N ASN E 90 -5.02 -16.45 -29.42
CA ASN E 90 -6.22 -16.02 -30.11
C ASN E 90 -6.03 -16.05 -31.62
N HIS F 6 8.52 17.87 29.61
CA HIS F 6 7.31 18.12 30.40
C HIS F 6 6.05 17.63 29.68
N ALA F 7 6.22 17.16 28.44
CA ALA F 7 5.08 16.66 27.69
C ALA F 7 4.68 15.27 28.21
N LYS F 8 3.42 14.92 27.98
CA LYS F 8 2.92 13.61 28.42
C LYS F 8 3.58 12.50 27.63
N PRO F 9 4.26 11.55 28.27
CA PRO F 9 4.81 10.40 27.53
C PRO F 9 3.71 9.49 27.05
N PRO F 10 3.97 8.68 26.01
CA PRO F 10 2.93 7.82 25.44
C PRO F 10 2.59 6.60 26.28
N TYR F 11 3.37 6.31 27.32
CA TYR F 11 3.28 5.03 28.01
C TYR F 11 1.94 4.84 28.71
N SER F 12 1.36 3.66 28.53
CA SER F 12 0.21 3.23 29.32
C SER F 12 0.62 3.08 30.78
N TYR F 13 -0.38 2.97 31.65
CA TYR F 13 -0.09 2.77 33.08
C TYR F 13 0.60 1.44 33.32
N ILE F 14 0.17 0.38 32.62
CA ILE F 14 0.85 -0.90 32.72
C ILE F 14 2.31 -0.77 32.31
N SER F 15 2.56 -0.04 31.21
CA SER F 15 3.94 0.16 30.78
C SER F 15 4.73 0.98 31.78
N LEU F 16 4.12 2.04 32.32
CA LEU F 16 4.81 2.87 33.32
C LEU F 16 5.19 2.04 34.54
N ILE F 17 4.25 1.25 35.06
CA ILE F 17 4.51 0.42 36.22
C ILE F 17 5.59 -0.62 35.90
N THR F 18 5.46 -1.28 34.75
CA THR F 18 6.42 -2.32 34.38
C THR F 18 7.84 -1.75 34.33
N MET F 19 8.01 -0.58 33.70
CA MET F 19 9.34 0.01 33.63
C MET F 19 9.86 0.35 35.03
N ALA F 20 9.00 0.87 35.90
CA ALA F 20 9.41 1.19 37.26
C ALA F 20 9.89 -0.05 38.01
N ILE F 21 9.10 -1.12 37.95
CA ILE F 21 9.48 -2.35 38.65
C ILE F 21 10.72 -2.96 38.01
N GLN F 22 10.79 -2.95 36.66
CA GLN F 22 11.90 -3.57 35.97
C GLN F 22 13.23 -2.90 36.30
N GLN F 23 13.23 -1.59 36.53
CA GLN F 23 14.48 -0.90 36.81
C GLN F 23 14.89 -0.99 38.27
N ALA F 24 14.03 -1.50 39.12
CA ALA F 24 14.38 -1.57 40.54
C ALA F 24 15.41 -2.68 40.71
N PRO F 25 16.50 -2.44 41.42
CA PRO F 25 17.46 -3.51 41.68
C PRO F 25 16.83 -4.77 42.26
N SER F 26 15.83 -4.61 43.12
CA SER F 26 15.15 -5.74 43.75
C SER F 26 13.99 -6.29 42.92
N LYS F 27 13.65 -5.64 41.80
CA LYS F 27 12.49 -6.03 40.97
C LYS F 27 11.19 -6.01 41.77
N MET F 28 11.14 -5.19 42.83
CA MET F 28 9.92 -4.93 43.57
C MET F 28 9.90 -3.45 43.95
N LEU F 29 8.70 -2.91 44.08
CA LEU F 29 8.54 -1.53 44.48
C LEU F 29 7.28 -1.37 45.31
N THR F 30 7.33 -0.45 46.26
CA THR F 30 6.12 -0.05 46.95
C THR F 30 5.34 0.91 46.07
N LEU F 31 4.06 1.10 46.41
CA LEU F 31 3.22 2.01 45.66
C LEU F 31 3.86 3.40 45.59
N SER F 32 4.33 3.91 46.74
CA SER F 32 4.90 5.25 46.75
C SER F 32 6.21 5.31 45.95
N GLU F 33 6.97 4.22 45.91
CA GLU F 33 8.17 4.20 45.09
C GLU F 33 7.83 4.23 43.61
N ILE F 34 6.72 3.59 43.22
CA ILE F 34 6.25 3.67 41.83
C ILE F 34 5.89 5.11 41.49
N TYR F 35 5.12 5.76 42.36
CA TYR F 35 4.83 7.19 42.18
C TYR F 35 6.11 7.97 41.96
N GLN F 36 7.11 7.75 42.82
CA GLN F 36 8.32 8.56 42.79
C GLN F 36 9.12 8.34 41.52
N TRP F 37 9.26 7.08 41.10
CA TRP F 37 9.99 6.79 39.86
C TRP F 37 9.34 7.47 38.68
N ILE F 38 8.01 7.40 38.57
CA ILE F 38 7.30 8.03 37.47
C ILE F 38 7.53 9.54 37.48
N MET F 39 7.43 10.16 38.65
CA MET F 39 7.62 11.61 38.72
C MET F 39 9.08 11.98 38.47
N ASP F 40 10.02 11.17 38.96
CA ASP F 40 11.43 11.47 38.74
C ASP F 40 11.78 11.46 37.25
N LEU F 41 11.23 10.51 36.51
CA LEU F 41 11.59 10.35 35.10
C LEU F 41 10.75 11.22 34.17
N PHE F 42 9.51 11.51 34.54
CA PHE F 42 8.56 12.17 33.63
C PHE F 42 7.98 13.39 34.30
N PRO F 43 8.52 14.59 34.02
CA PRO F 43 8.01 15.81 34.67
C PRO F 43 6.52 16.04 34.49
N TYR F 44 5.93 15.55 33.40
CA TYR F 44 4.49 15.69 33.20
C TYR F 44 3.70 15.20 34.40
N TYR F 45 4.17 14.12 35.04
CA TYR F 45 3.41 13.49 36.12
C TYR F 45 3.67 14.12 37.47
N ARG F 46 4.44 15.21 37.52
CA ARG F 46 4.58 15.96 38.76
C ARG F 46 3.36 16.80 39.08
N GLN F 47 2.40 16.90 38.15
CA GLN F 47 1.11 17.55 38.36
C GLN F 47 -0.01 16.53 38.30
N ASN F 48 -1.21 16.97 38.69
CA ASN F 48 -2.43 16.15 38.66
C ASN F 48 -2.25 14.83 39.39
N GLN F 49 -1.50 14.86 40.49
CA GLN F 49 -1.11 13.62 41.18
C GLN F 49 -2.31 12.88 41.76
N GLN F 50 -3.32 13.59 42.26
CA GLN F 50 -4.47 12.91 42.85
C GLN F 50 -5.18 12.02 41.83
N ARG F 51 -5.04 12.34 40.54
CA ARG F 51 -5.77 11.67 39.48
C ARG F 51 -5.00 10.49 38.91
N TRP F 52 -3.78 10.72 38.40
CA TRP F 52 -3.06 9.61 37.77
C TRP F 52 -2.61 8.57 38.80
N GLN F 53 -2.40 8.99 40.06
CA GLN F 53 -2.08 8.00 41.08
C GLN F 53 -3.27 7.10 41.37
N ASN F 54 -4.49 7.64 41.28
CA ASN F 54 -5.68 6.79 41.30
C ASN F 54 -5.64 5.77 40.16
N SER F 55 -5.29 6.22 38.96
CA SER F 55 -5.19 5.30 37.82
C SER F 55 -4.10 4.26 38.05
N ILE F 56 -3.00 4.66 38.69
CA ILE F 56 -1.93 3.71 39.00
C ILE F 56 -2.45 2.63 39.95
N ARG F 57 -3.12 3.03 41.03
CA ARG F 57 -3.66 2.06 41.98
C ARG F 57 -4.65 1.13 41.29
N HIS F 58 -5.53 1.69 40.46
CA HIS F 58 -6.47 0.87 39.71
C HIS F 58 -5.75 -0.18 38.87
N SER F 59 -4.70 0.24 38.16
CA SER F 59 -4.01 -0.68 37.25
C SER F 59 -3.29 -1.79 38.02
N LEU F 60 -2.70 -1.47 39.17
CA LEU F 60 -1.96 -2.47 39.93
C LEU F 60 -2.86 -3.61 40.39
N SER F 61 -4.01 -3.29 40.97
CA SER F 61 -4.91 -4.34 41.46
C SER F 61 -5.68 -4.99 40.31
N PHE F 62 -6.16 -4.20 39.35
CA PHE F 62 -7.06 -4.73 38.32
C PHE F 62 -6.34 -5.69 37.38
N ASN F 63 -5.06 -5.50 37.13
CA ASN F 63 -4.32 -6.31 36.17
C ASN F 63 -3.59 -7.43 36.91
N ASP F 64 -3.78 -8.66 36.43
CA ASP F 64 -3.15 -9.82 37.05
C ASP F 64 -1.64 -9.84 36.87
N CYS F 65 -1.10 -9.09 35.90
CA CYS F 65 0.34 -9.08 35.68
C CYS F 65 1.10 -8.43 36.83
N PHE F 66 0.42 -7.70 37.70
CA PHE F 66 1.03 -7.08 38.86
C PHE F 66 0.56 -7.82 40.11
N VAL F 67 1.51 -8.22 40.95
CA VAL F 67 1.24 -9.11 42.07
C VAL F 67 1.75 -8.43 43.34
N LYS F 68 0.91 -8.45 44.37
CA LYS F 68 1.22 -7.81 45.64
C LYS F 68 2.03 -8.79 46.49
N VAL F 69 3.09 -8.31 47.12
CA VAL F 69 3.95 -9.13 47.94
C VAL F 69 4.13 -8.46 49.29
N ALA F 70 3.78 -9.18 50.36
CA ALA F 70 3.82 -8.63 51.70
C ALA F 70 5.25 -8.39 52.16
N ARG F 71 5.45 -7.32 52.92
CA ARG F 71 6.73 -7.13 53.59
C ARG F 71 6.99 -8.29 54.54
N SER F 72 8.26 -8.58 54.76
CA SER F 72 8.64 -9.56 55.77
C SER F 72 8.35 -9.03 57.16
N PRO F 73 7.95 -9.90 58.09
CA PRO F 73 7.73 -9.46 59.47
C PRO F 73 9.03 -8.95 60.09
N ASP F 74 8.88 -8.08 61.09
CA ASP F 74 9.98 -7.34 61.71
C ASP F 74 10.73 -6.46 60.71
N LYS F 75 10.28 -6.44 59.46
CA LYS F 75 10.51 -5.32 58.55
C LYS F 75 9.14 -4.82 58.14
N PRO F 76 8.40 -4.23 59.07
CA PRO F 76 7.10 -3.67 58.70
C PRO F 76 7.29 -2.32 58.07
N GLY F 77 6.26 -1.89 57.37
CA GLY F 77 6.36 -0.64 56.67
C GLY F 77 5.07 -0.38 55.95
N LYS F 78 5.01 0.77 55.32
CA LYS F 78 3.78 1.30 54.79
C LYS F 78 3.56 0.80 53.38
N GLY F 79 2.46 0.07 53.17
CA GLY F 79 2.16 -0.59 51.91
C GLY F 79 2.94 -1.87 51.71
N SER F 80 2.52 -2.68 50.74
CA SER F 80 3.25 -3.89 50.38
C SER F 80 4.13 -3.60 49.18
N TYR F 81 4.92 -4.59 48.79
CA TYR F 81 5.68 -4.51 47.54
C TYR F 81 4.84 -4.99 46.37
N TRP F 82 5.09 -4.41 45.21
CA TRP F 82 4.44 -4.83 43.97
C TRP F 82 5.49 -5.43 43.05
N THR F 83 5.08 -6.46 42.30
CA THR F 83 5.98 -7.19 41.43
C THR F 83 5.27 -7.58 40.15
N LEU F 84 6.06 -8.05 39.19
CA LEU F 84 5.54 -8.57 37.93
C LEU F 84 5.28 -10.06 38.07
N HIS F 85 4.15 -10.49 37.53
CA HIS F 85 3.79 -11.90 37.56
C HIS F 85 4.71 -12.69 36.63
N PRO F 86 5.01 -13.95 36.96
CA PRO F 86 5.94 -14.73 36.12
C PRO F 86 5.57 -14.77 34.64
N ASP F 87 4.28 -14.94 34.30
CA ASP F 87 3.87 -14.91 32.90
C ASP F 87 2.70 -13.96 32.69
N SER F 88 2.35 -13.16 33.69
CA SER F 88 1.04 -12.52 33.78
C SER F 88 -0.07 -13.55 33.77
N HIS G 6 -7.39 -18.94 -21.23
CA HIS G 6 -7.02 -18.25 -22.46
C HIS G 6 -5.61 -17.67 -22.37
N ALA G 7 -5.13 -17.13 -23.49
CA ALA G 7 -3.84 -16.49 -23.56
C ALA G 7 -3.94 -15.02 -23.16
N LYS G 8 -2.81 -14.44 -22.81
CA LYS G 8 -2.75 -13.04 -22.42
C LYS G 8 -3.14 -12.14 -23.59
N PRO G 9 -4.15 -11.28 -23.43
CA PRO G 9 -4.48 -10.32 -24.49
C PRO G 9 -3.38 -9.30 -24.64
N PRO G 10 -3.29 -8.61 -25.79
CA PRO G 10 -2.19 -7.68 -26.02
C PRO G 10 -2.29 -6.38 -25.24
N TYR G 11 -3.45 -6.09 -24.63
CA TYR G 11 -3.69 -4.75 -24.09
C TYR G 11 -2.74 -4.43 -22.95
N SER G 12 -2.16 -3.23 -23.00
CA SER G 12 -1.43 -2.70 -21.86
C SER G 12 -2.37 -2.43 -20.70
N TYR G 13 -1.79 -2.20 -19.52
CA TYR G 13 -2.60 -1.88 -18.36
C TYR G 13 -3.32 -0.53 -18.55
N ILE G 14 -2.64 0.44 -19.15
CA ILE G 14 -3.30 1.71 -19.47
C ILE G 14 -4.50 1.47 -20.38
N SER G 15 -4.31 0.63 -21.40
CA SER G 15 -5.41 0.33 -22.31
C SER G 15 -6.54 -0.42 -21.60
N LEU G 16 -6.19 -1.40 -20.77
CA LEU G 16 -7.22 -2.14 -20.05
C LEU G 16 -8.04 -1.22 -19.16
N ILE G 17 -7.37 -0.35 -18.41
CA ILE G 17 -8.07 0.58 -17.53
C ILE G 17 -8.92 1.55 -18.34
N THR G 18 -8.35 2.10 -19.42
CA THR G 18 -9.07 3.06 -20.26
C THR G 18 -10.37 2.46 -20.78
N MET G 19 -10.30 1.22 -21.29
CA MET G 19 -11.50 0.56 -21.79
C MET G 19 -12.52 0.34 -20.67
N ALA G 20 -12.04 -0.07 -19.50
CA ALA G 20 -12.95 -0.28 -18.37
C ALA G 20 -13.67 1.01 -18.00
N ILE G 21 -12.93 2.11 -17.91
CA ILE G 21 -13.54 3.40 -17.57
C ILE G 21 -14.51 3.84 -18.66
N GLN G 22 -14.14 3.66 -19.92
CA GLN G 22 -14.94 4.17 -21.02
C GLN G 22 -16.33 3.54 -21.07
N GLN G 23 -16.43 2.25 -20.72
CA GLN G 23 -17.72 1.59 -20.73
C GLN G 23 -18.48 1.72 -19.42
N ALA G 24 -17.86 2.29 -18.40
CA ALA G 24 -18.46 2.39 -17.08
C ALA G 24 -19.55 3.46 -17.04
N PRO G 25 -20.68 3.20 -16.38
CA PRO G 25 -21.69 4.22 -16.18
C PRO G 25 -21.06 5.50 -15.62
N SER G 26 -21.34 6.62 -16.29
CA SER G 26 -20.79 7.93 -15.93
C SER G 26 -19.27 7.98 -16.08
N LYS G 27 -18.69 7.01 -16.80
CA LYS G 27 -17.25 6.94 -17.02
C LYS G 27 -16.46 6.99 -15.72
N MET G 28 -16.99 6.37 -14.67
CA MET G 28 -16.30 6.21 -13.39
C MET G 28 -16.53 4.81 -12.88
N LEU G 29 -15.52 4.27 -12.21
CA LEU G 29 -15.64 2.97 -11.56
C LEU G 29 -14.54 2.84 -10.51
N THR G 30 -14.83 2.07 -9.48
CA THR G 30 -13.87 1.77 -8.43
C THR G 30 -12.81 0.78 -8.89
N LEU G 31 -11.74 0.69 -8.09
CA LEU G 31 -10.65 -0.24 -8.35
C LEU G 31 -11.17 -1.67 -8.47
N SER G 32 -12.03 -2.08 -7.54
CA SER G 32 -12.53 -3.45 -7.60
C SER G 32 -13.40 -3.67 -8.83
N GLU G 33 -14.10 -2.63 -9.29
CA GLU G 33 -14.84 -2.74 -10.54
C GLU G 33 -13.91 -2.85 -11.74
N ILE G 34 -12.75 -2.20 -11.69
CA ILE G 34 -11.76 -2.38 -12.74
C ILE G 34 -11.29 -3.84 -12.76
N TYR G 35 -10.95 -4.37 -11.59
CA TYR G 35 -10.60 -5.78 -11.47
C TYR G 35 -11.66 -6.66 -12.13
N GLN G 36 -12.93 -6.42 -11.79
CA GLN G 36 -14.00 -7.32 -12.22
C GLN G 36 -14.23 -7.23 -13.72
N TRP G 37 -14.21 -6.01 -14.28
CA TRP G 37 -14.38 -5.86 -15.71
C TRP G 37 -13.29 -6.60 -16.48
N ILE G 38 -12.04 -6.45 -16.04
CA ILE G 38 -10.93 -7.12 -16.70
C ILE G 38 -11.12 -8.63 -16.66
N MET G 39 -11.46 -9.17 -15.49
CA MET G 39 -11.62 -10.61 -15.38
C MET G 39 -12.85 -11.09 -16.16
N ASP G 40 -13.93 -10.29 -16.15
CA ASP G 40 -15.13 -10.69 -16.89
C ASP G 40 -14.84 -10.83 -18.38
N LEU G 41 -14.06 -9.92 -18.95
CA LEU G 41 -13.82 -9.91 -20.39
C LEU G 41 -12.64 -10.77 -20.81
N PHE G 42 -11.64 -10.97 -19.96
CA PHE G 42 -10.39 -11.60 -20.36
C PHE G 42 -10.05 -12.75 -19.41
N PRO G 43 -10.39 -13.99 -19.79
CA PRO G 43 -10.15 -15.14 -18.89
C PRO G 43 -8.71 -15.28 -18.41
N TYR G 44 -7.73 -14.84 -19.20
CA TYR G 44 -6.34 -14.92 -18.75
C TYR G 44 -6.14 -14.33 -17.36
N TYR G 45 -6.85 -13.25 -17.05
CA TYR G 45 -6.64 -12.50 -15.80
C TYR G 45 -7.41 -13.05 -14.61
N ARG G 46 -8.08 -14.19 -14.74
CA ARG G 46 -8.78 -14.79 -13.59
C ARG G 46 -7.83 -15.45 -12.59
N GLN G 47 -6.56 -15.53 -12.92
CA GLN G 47 -5.48 -16.14 -12.17
C GLN G 47 -4.29 -15.19 -12.03
N ASN G 48 -3.37 -15.49 -11.10
CA ASN G 48 -2.25 -14.60 -10.76
C ASN G 48 -2.75 -13.20 -10.41
N GLN G 49 -3.90 -13.16 -9.73
CA GLN G 49 -4.55 -11.90 -9.42
C GLN G 49 -3.70 -11.03 -8.52
N GLN G 50 -2.96 -11.63 -7.59
CA GLN G 50 -2.14 -10.84 -6.68
C GLN G 50 -1.06 -10.06 -7.45
N ARG G 51 -0.67 -10.56 -8.62
CA ARG G 51 0.40 -9.92 -9.38
C ARG G 51 -0.15 -8.83 -10.29
N TRP G 52 -1.09 -9.16 -11.16
CA TRP G 52 -1.53 -8.18 -12.15
C TRP G 52 -2.40 -7.09 -11.52
N GLN G 53 -3.09 -7.39 -10.42
CA GLN G 53 -3.83 -6.34 -9.73
C GLN G 53 -2.90 -5.34 -9.07
N ASN G 54 -1.75 -5.79 -8.59
CA ASN G 54 -0.70 -4.86 -8.17
C ASN G 54 -0.30 -3.96 -9.32
N SER G 55 -0.13 -4.54 -10.52
CA SER G 55 0.23 -3.75 -11.68
C SER G 55 -0.87 -2.75 -12.03
N ILE G 56 -2.13 -3.14 -11.84
CA ILE G 56 -3.25 -2.23 -12.10
C ILE G 56 -3.20 -1.04 -11.14
N ARG G 57 -3.04 -1.32 -9.84
CA ARG G 57 -2.95 -0.23 -8.86
C ARG G 57 -1.77 0.68 -9.18
N HIS G 58 -0.63 0.09 -9.55
CA HIS G 58 0.53 0.87 -9.94
C HIS G 58 0.21 1.79 -11.12
N SER G 59 -0.48 1.25 -12.14
CA SER G 59 -0.74 2.04 -13.34
C SER G 59 -1.68 3.19 -13.06
N LEU G 60 -2.68 2.98 -12.20
CA LEU G 60 -3.62 4.05 -11.86
C LEU G 60 -2.91 5.22 -11.19
N SER G 61 -2.01 4.93 -10.23
CA SER G 61 -1.33 6.00 -9.50
C SER G 61 -0.23 6.63 -10.34
N PHE G 62 0.54 5.82 -11.05
CA PHE G 62 1.73 6.30 -11.75
C PHE G 62 1.38 7.21 -12.92
N ASN G 63 0.27 6.96 -13.61
CA ASN G 63 -0.09 7.69 -14.82
C ASN G 63 -1.05 8.82 -14.51
N ASP G 64 -0.72 10.03 -15.02
CA ASP G 64 -1.56 11.19 -14.79
C ASP G 64 -2.89 11.10 -15.54
N CYS G 65 -3.00 10.24 -16.55
CA CYS G 65 -4.24 10.14 -17.30
C CYS G 65 -5.38 9.55 -16.49
N PHE G 66 -5.09 8.93 -15.36
CA PHE G 66 -6.11 8.35 -14.48
C PHE G 66 -6.19 9.19 -13.22
N VAL G 67 -7.40 9.62 -12.88
CA VAL G 67 -7.62 10.61 -11.83
C VAL G 67 -8.62 10.08 -10.82
N LYS G 68 -8.32 10.29 -9.54
CA LYS G 68 -9.13 9.80 -8.44
C LYS G 68 -10.26 10.78 -8.14
N VAL G 69 -11.46 10.23 -7.93
CA VAL G 69 -12.65 11.02 -7.64
C VAL G 69 -13.32 10.49 -6.38
N ALA G 70 -13.52 11.37 -5.41
CA ALA G 70 -14.03 10.95 -4.11
C ALA G 70 -15.47 10.45 -4.19
N ARG G 71 -15.77 9.42 -3.39
CA ARG G 71 -17.13 8.95 -3.19
C ARG G 71 -18.01 10.05 -2.61
N SER G 72 -19.31 9.92 -2.86
CA SER G 72 -20.29 10.82 -2.26
C SER G 72 -20.37 10.57 -0.75
N PRO G 73 -20.62 11.63 0.04
CA PRO G 73 -20.76 11.44 1.49
C PRO G 73 -21.88 10.50 1.89
N ASP G 74 -22.99 10.51 1.15
CA ASP G 74 -23.99 9.45 1.25
C ASP G 74 -23.77 8.49 0.09
N LYS G 75 -23.80 7.20 0.39
CA LYS G 75 -23.20 6.12 -0.37
C LYS G 75 -21.69 6.33 -0.47
N PRO G 76 -20.98 6.38 0.66
CA PRO G 76 -19.52 6.29 0.64
C PRO G 76 -19.12 4.83 0.73
N GLY G 77 -17.87 4.54 0.43
CA GLY G 77 -17.46 3.15 0.50
C GLY G 77 -16.01 2.85 0.20
N LYS G 78 -15.75 1.61 -0.19
CA LYS G 78 -14.39 1.12 -0.36
C LYS G 78 -13.76 1.77 -1.58
N GLY G 79 -12.73 2.57 -1.37
CA GLY G 79 -12.00 3.18 -2.46
C GLY G 79 -12.75 4.34 -3.08
N SER G 80 -12.03 5.10 -3.90
CA SER G 80 -12.64 6.18 -4.65
C SER G 80 -12.98 5.69 -6.05
N TYR G 81 -13.62 6.57 -6.83
CA TYR G 81 -13.83 6.29 -8.24
C TYR G 81 -12.60 6.72 -9.02
N TRP G 82 -12.32 5.99 -10.10
CA TRP G 82 -11.25 6.34 -11.01
C TRP G 82 -11.85 6.77 -12.34
N THR G 83 -11.25 7.79 -12.96
CA THR G 83 -11.78 8.32 -14.21
C THR G 83 -10.62 8.79 -15.08
N LEU G 84 -10.95 9.15 -16.31
CA LEU G 84 -9.99 9.64 -17.28
C LEU G 84 -9.80 11.15 -17.16
N HIS G 85 -8.55 11.59 -17.29
CA HIS G 85 -8.25 13.01 -17.23
C HIS G 85 -8.80 13.71 -18.48
N PRO G 86 -9.27 14.97 -18.34
CA PRO G 86 -9.93 15.65 -19.46
C PRO G 86 -9.08 15.75 -20.73
N ASP G 87 -7.81 16.09 -20.65
CA ASP G 87 -7.01 16.20 -21.87
C ASP G 87 -6.35 14.87 -22.23
N SER G 88 -7.16 13.81 -22.16
CA SER G 88 -6.93 12.62 -22.96
C SER G 88 -7.75 12.78 -24.23
N GLY G 89 -8.53 11.76 -24.59
CA GLY G 89 -9.37 11.84 -25.78
C GLY G 89 -10.82 12.18 -25.50
N ASN G 90 -11.30 11.84 -24.31
CA ASN G 90 -12.69 12.05 -23.96
C ASN G 90 -12.90 13.36 -23.21
N HIS H 6 10.87 -14.53 23.81
CA HIS H 6 10.40 -14.05 25.12
C HIS H 6 8.97 -13.52 25.00
N ALA H 7 8.45 -12.98 26.10
CA ALA H 7 7.06 -12.55 26.21
C ALA H 7 6.83 -11.21 25.52
N LYS H 8 5.58 -10.97 25.17
CA LYS H 8 5.17 -9.74 24.53
C LYS H 8 5.32 -8.57 25.50
N PRO H 9 6.10 -7.54 25.16
CA PRO H 9 6.20 -6.37 26.04
C PRO H 9 4.89 -5.61 26.08
N PRO H 10 4.65 -4.80 27.12
CA PRO H 10 3.35 -4.11 27.24
C PRO H 10 3.21 -2.90 26.33
N TYR H 11 4.28 -2.46 25.67
CA TYR H 11 4.28 -1.18 24.98
C TYR H 11 3.30 -1.18 23.82
N SER H 12 2.52 -0.10 23.74
CA SER H 12 1.69 0.15 22.57
C SER H 12 2.57 0.41 21.36
N TYR H 13 1.95 0.40 20.18
CA TYR H 13 2.70 0.69 18.96
C TYR H 13 3.20 2.13 18.96
N ILE H 14 2.39 3.07 19.44
CA ILE H 14 2.85 4.45 19.56
C ILE H 14 4.09 4.52 20.46
N SER H 15 4.06 3.79 21.59
CA SER H 15 5.19 3.77 22.49
C SER H 15 6.41 3.11 21.85
N LEU H 16 6.21 2.00 21.14
CA LEU H 16 7.33 1.33 20.49
C LEU H 16 8.00 2.25 19.46
N ILE H 17 7.19 2.91 18.64
CA ILE H 17 7.73 3.83 17.64
C ILE H 17 8.43 4.99 18.31
N THR H 18 7.81 5.58 19.33
CA THR H 18 8.41 6.72 20.02
C THR H 18 9.77 6.36 20.59
N MET H 19 9.88 5.20 21.25
CA MET H 19 11.16 4.80 21.82
C MET H 19 12.21 4.61 20.73
N ALA H 20 11.84 3.99 19.61
CA ALA H 20 12.80 3.79 18.52
C ALA H 20 13.30 5.12 17.99
N ILE H 21 12.39 6.05 17.70
CA ILE H 21 12.78 7.35 17.16
C ILE H 21 13.60 8.12 18.18
N GLN H 22 13.21 8.08 19.46
CA GLN H 22 13.92 8.86 20.47
C GLN H 22 15.36 8.41 20.63
N GLN H 23 15.64 7.11 20.47
CA GLN H 23 17.00 6.63 20.63
C GLN H 23 17.81 6.78 19.36
N ALA H 24 17.22 7.22 18.26
CA ALA H 24 17.97 7.40 17.03
C ALA H 24 18.86 8.63 17.16
N PRO H 25 20.14 8.53 16.76
CA PRO H 25 21.02 9.72 16.81
C PRO H 25 20.41 10.94 16.14
N SER H 26 19.89 10.78 14.92
CA SER H 26 19.30 11.89 14.18
C SER H 26 17.87 12.19 14.58
N LYS H 27 17.32 11.50 15.59
CA LYS H 27 15.94 11.64 16.02
C LYS H 27 14.94 11.36 14.89
N MET H 28 15.36 10.57 13.90
CA MET H 28 14.48 10.13 12.82
C MET H 28 14.84 8.71 12.46
N LEU H 29 13.85 7.96 11.96
CA LEU H 29 14.08 6.59 11.53
C LEU H 29 13.23 6.27 10.32
N THR H 30 13.77 5.42 9.45
CA THR H 30 12.98 4.86 8.37
C THR H 30 12.09 3.75 8.90
N LEU H 31 11.08 3.39 8.10
CA LEU H 31 10.18 2.31 8.49
C LEU H 31 10.94 1.03 8.78
N SER H 32 11.87 0.65 7.89
CA SER H 32 12.61 -0.59 8.12
C SER H 32 13.52 -0.48 9.33
N GLU H 33 14.01 0.72 9.64
CA GLU H 33 14.79 0.89 10.85
C GLU H 33 13.94 0.75 12.10
N ILE H 34 12.67 1.19 12.04
CA ILE H 34 11.76 0.97 13.15
C ILE H 34 11.51 -0.51 13.35
N TYR H 35 11.20 -1.23 12.26
CA TYR H 35 11.05 -2.68 12.33
C TYR H 35 12.23 -3.32 13.03
N GLN H 36 13.44 -2.94 12.62
CA GLN H 36 14.64 -3.62 13.10
C GLN H 36 14.87 -3.34 14.58
N TRP H 37 14.70 -2.08 15.01
CA TRP H 37 14.88 -1.75 16.41
C TRP H 37 13.92 -2.53 17.30
N ILE H 38 12.65 -2.63 16.90
CA ILE H 38 11.67 -3.37 17.68
C ILE H 38 12.08 -4.83 17.80
N MET H 39 12.49 -5.44 16.69
CA MET H 39 12.88 -6.85 16.70
C MET H 39 14.18 -7.05 17.47
N ASP H 40 15.12 -6.10 17.36
CA ASP H 40 16.39 -6.23 18.08
C ASP H 40 16.17 -6.26 19.59
N LEU H 41 15.30 -5.38 20.10
CA LEU H 41 15.11 -5.28 21.55
C LEU H 41 14.11 -6.28 22.09
N PHE H 42 13.13 -6.68 21.30
CA PHE H 42 12.01 -7.49 21.78
C PHE H 42 11.88 -8.72 20.89
N PRO H 43 12.51 -9.83 21.27
CA PRO H 43 12.45 -11.05 20.45
C PRO H 43 11.04 -11.49 20.11
N TYR H 44 10.06 -11.17 20.98
CA TYR H 44 8.67 -11.50 20.68
C TYR H 44 8.28 -11.05 19.28
N TYR H 45 8.79 -9.91 18.84
CA TYR H 45 8.37 -9.34 17.57
C TYR H 45 9.14 -9.92 16.39
N ARG H 46 9.97 -10.92 16.62
CA ARG H 46 10.65 -11.57 15.50
C ARG H 46 9.77 -12.53 14.71
N GLN H 47 8.57 -12.87 15.19
CA GLN H 47 7.63 -13.70 14.46
C GLN H 47 6.42 -12.83 14.14
N ASN H 48 5.50 -13.35 13.31
CA ASN H 48 4.25 -12.66 12.95
C ASN H 48 4.51 -11.27 12.40
N GLN H 49 5.60 -11.13 11.63
CA GLN H 49 5.98 -9.83 11.11
C GLN H 49 4.94 -9.26 10.15
N GLN H 50 4.28 -10.12 9.36
CA GLN H 50 3.28 -9.63 8.43
C GLN H 50 2.14 -8.93 9.15
N ARG H 51 1.86 -9.31 10.40
CA ARG H 51 0.77 -8.70 11.15
C ARG H 51 1.23 -7.40 11.81
N TRP H 52 2.17 -7.48 12.75
CA TRP H 52 2.47 -6.32 13.57
C TRP H 52 3.14 -5.20 12.77
N GLN H 53 3.86 -5.53 11.69
CA GLN H 53 4.41 -4.47 10.86
C GLN H 53 3.32 -3.72 10.11
N ASN H 54 2.25 -4.41 9.72
CA ASN H 54 1.08 -3.70 9.21
C ASN H 54 0.54 -2.74 10.27
N SER H 55 0.47 -3.19 11.53
CA SER H 55 0.01 -2.33 12.61
C SER H 55 0.96 -1.14 12.80
N ILE H 56 2.26 -1.35 12.62
CA ILE H 56 3.22 -0.25 12.72
C ILE H 56 2.95 0.80 11.65
N ARG H 57 2.80 0.35 10.39
CA ARG H 57 2.51 1.29 9.31
C ARG H 57 1.20 2.04 9.57
N HIS H 58 0.18 1.33 10.03
CA HIS H 58 -1.07 1.98 10.37
C HIS H 58 -0.86 3.05 11.44
N SER H 59 -0.09 2.73 12.48
CA SER H 59 0.10 3.66 13.58
C SER H 59 0.85 4.91 13.13
N LEU H 60 1.84 4.74 12.26
CA LEU H 60 2.60 5.87 11.75
C LEU H 60 1.71 6.82 10.95
N SER H 61 0.87 6.28 10.06
CA SER H 61 0.03 7.12 9.22
C SER H 61 -1.12 7.74 10.00
N PHE H 62 -1.79 6.93 10.83
CA PHE H 62 -3.02 7.37 11.47
C PHE H 62 -2.80 8.45 12.52
N ASN H 63 -1.66 8.44 13.19
CA ASN H 63 -1.41 9.34 14.31
C ASN H 63 -0.66 10.59 13.85
N ASP H 64 -1.19 11.76 14.22
CA ASP H 64 -0.56 13.02 13.83
C ASP H 64 0.78 13.24 14.51
N CYS H 65 1.06 12.53 15.60
CA CYS H 65 2.32 12.71 16.29
C CYS H 65 3.51 12.18 15.49
N PHE H 66 3.26 11.37 14.45
CA PHE H 66 4.33 10.86 13.61
C PHE H 66 4.23 11.51 12.23
N VAL H 67 5.35 12.10 11.78
CA VAL H 67 5.41 12.88 10.54
C VAL H 67 6.59 12.38 9.72
N LYS H 68 6.37 12.19 8.42
CA LYS H 68 7.41 11.68 7.54
C LYS H 68 8.24 12.82 6.96
N VAL H 69 9.54 12.57 6.83
CA VAL H 69 10.50 13.54 6.30
C VAL H 69 11.20 12.88 5.12
N ALA H 70 11.15 13.54 3.97
CA ALA H 70 11.65 12.95 2.74
C ALA H 70 13.17 12.78 2.77
N ARG H 71 13.64 11.70 2.17
CA ARG H 71 15.06 11.53 1.91
C ARG H 71 15.58 12.67 1.03
N SER H 72 16.88 12.95 1.15
CA SER H 72 17.51 13.88 0.23
C SER H 72 17.55 13.26 -1.18
N PRO H 73 17.44 14.07 -2.22
CA PRO H 73 17.49 13.52 -3.60
C PRO H 73 18.80 12.82 -3.94
N ASP H 74 19.94 13.26 -3.38
CA ASP H 74 21.22 12.62 -3.65
C ASP H 74 21.33 11.25 -2.98
N LYS H 75 20.43 10.94 -2.05
CA LYS H 75 20.41 9.67 -1.33
C LYS H 75 19.01 9.08 -1.48
N PRO H 76 18.65 8.62 -2.67
CA PRO H 76 17.31 8.06 -2.85
C PRO H 76 17.19 6.65 -2.30
N GLY H 77 15.95 6.26 -2.05
CA GLY H 77 15.66 4.96 -1.47
C GLY H 77 14.17 4.82 -1.28
N LYS H 78 13.79 3.68 -0.70
CA LYS H 78 12.39 3.38 -0.45
C LYS H 78 11.97 3.95 0.90
N GLY H 79 10.85 4.66 0.91
CA GLY H 79 10.30 5.24 2.12
C GLY H 79 11.03 6.51 2.54
N SER H 80 10.37 7.25 3.42
CA SER H 80 10.91 8.46 4.03
C SER H 80 11.37 8.17 5.46
N TYR H 81 11.91 9.20 6.10
CA TYR H 81 12.20 9.13 7.53
C TYR H 81 10.95 9.49 8.31
N TRP H 82 10.82 8.89 9.49
CA TRP H 82 9.74 9.22 10.40
C TRP H 82 10.31 9.85 11.68
N THR H 83 9.63 10.86 12.19
CA THR H 83 10.05 11.55 13.40
C THR H 83 8.79 12.00 14.15
N LEU H 84 9.00 12.52 15.35
CA LEU H 84 7.89 13.01 16.16
C LEU H 84 7.58 14.46 15.80
N HIS H 85 6.30 14.77 15.62
CA HIS H 85 5.91 16.13 15.29
C HIS H 85 5.97 17.05 16.51
N PRO H 86 6.43 18.28 16.34
CA PRO H 86 6.46 19.23 17.46
C PRO H 86 5.08 19.58 18.01
N ASP H 87 4.08 19.70 17.14
CA ASP H 87 2.74 20.15 17.54
C ASP H 87 1.93 19.03 18.18
N SER H 88 2.61 18.04 18.75
CA SER H 88 1.96 16.99 19.53
C SER H 88 2.54 16.85 20.92
N GLY H 89 3.68 17.46 21.21
CA GLY H 89 4.23 17.46 22.55
C GLY H 89 5.50 16.65 22.72
N ASN H 90 6.61 17.34 22.97
CA ASN H 90 7.87 16.72 23.39
C ASN H 90 8.88 17.80 23.76
MG MG I . -2.51 -1.74 -25.80
MG MG J . 2.76 1.82 26.29
#